data_4REC
#
_entry.id   4REC
#
_cell.length_a   71.910
_cell.length_b   109.600
_cell.length_c   115.860
_cell.angle_alpha   90.000
_cell.angle_beta   90.000
_cell.angle_gamma   90.000
#
_symmetry.space_group_name_H-M   'P 21 21 21'
#
loop_
_entity.id
_entity.type
_entity.pdbx_description
1 polymer 'Fanconi-associated nuclease 1'
2 polymer 'DNA (40-MER)'
3 non-polymer 'IODIDE ION'
4 water water
#
loop_
_entity_poly.entity_id
_entity_poly.type
_entity_poly.pdbx_seq_one_letter_code
_entity_poly.pdbx_strand_id
1 'polypeptide(L)'
;EFPYYLRSFLVVLKTVLENEDDMLLFDEQEKGIVTKFYQLSATGQKLYVRLFQRKLSWIKMTKLEYEEIALDLTPVIEEL
TNAGFLQTESELQELSEVLELLSAPELKSLAKTFHLVNPNGQKQQLVDAFLKLAKQRSVCTWGKNKPGIGAVILKRAKAL
AGQSVRICKGPRAVFSRILLLFSLTDSMEDEDAACGGQGQLSTVLLVNLGRMEFPSYTINRKTHIFQDRDDLIRYAAATH
MLSDISSAMANGNWEEAKELAQCAKRDWNRLKNHPSLRCHEDLPLFLRCFTVGWIYTRILSRFVEILQRLHMYEEAVREL
ESLLSQRIYCPDSRGRWWDRLALNLHQHLKRLEPTIKCITEGLADPEVRTGHRLSLYQRAVRLRESPSCKKFKHLFQQLP
EMAVQDVKHVTITGRLCPQRGMCKSVFVMEAGEAADPTTVLCSVEELALAHYRRSGFDQGIHGEGSTFSTLYGLLLWDII
FMDGIPDVFRNACQAFPLDLCTDSFFTSRRPALEARLQLIHDAPEESLRAWVAATWHEQEGRVASLVSWDRFTSLQQAQD
LVSCLGGPVLSGVCRHLAADFRHCRGGLPALVVWNSQSRHFKLVEVKGPNDRLSHKQMIWLAELQKLGAEVEVCHVVAVG
AKSQSLS
;
A
2 'polydeoxyribonucleotide'
;(DC)(DG)(DT)(DT)(DG)(DC)(DT)(DA)(DC)(DG)(DC)(DG)(DT)(DG)(DG)(DC)(DG)(DA)(DG)(DC)
(DC)(DG)(DT)(DA)(DG)(DC)(DA)(DA)(DC)(DG)(DG)(DC)(DT)(DC)(DG)(DC)(DC)(DA)(DC)(DG)
;
B
#
# COMPACT_ATOMS: atom_id res chain seq x y z
N GLU A 1 1.31 24.31 -22.42
CA GLU A 1 1.75 23.97 -23.77
C GLU A 1 2.24 22.52 -23.83
N PHE A 2 3.12 22.16 -22.90
CA PHE A 2 3.50 20.77 -22.71
C PHE A 2 3.24 20.37 -21.26
N PRO A 3 1.98 20.01 -20.95
CA PRO A 3 1.55 19.88 -19.55
C PRO A 3 2.13 18.66 -18.84
N TYR A 4 2.10 18.73 -17.52
CA TYR A 4 2.73 17.72 -16.66
C TYR A 4 2.24 16.30 -16.92
N TYR A 5 0.92 16.14 -17.04
CA TYR A 5 0.33 14.78 -17.11
C TYR A 5 0.80 14.10 -18.38
N LEU A 6 1.00 14.86 -19.44
CA LEU A 6 1.49 14.28 -20.68
C LEU A 6 2.97 13.95 -20.54
N ARG A 7 3.73 14.88 -19.97
CA ARG A 7 5.16 14.66 -19.75
C ARG A 7 5.38 13.37 -18.95
N SER A 8 4.80 13.28 -17.76
CA SER A 8 4.87 12.08 -16.95
C SER A 8 4.44 10.81 -17.71
N PHE A 9 3.33 10.88 -18.46
CA PHE A 9 2.87 9.75 -19.29
C PHE A 9 3.90 9.38 -20.34
N LEU A 10 4.54 10.37 -20.93
CA LEU A 10 5.60 10.10 -21.91
C LEU A 10 6.82 9.41 -21.27
N VAL A 11 7.14 9.77 -20.03
CA VAL A 11 8.29 9.14 -19.37
C VAL A 11 8.08 7.64 -19.18
N VAL A 12 6.90 7.29 -18.67
CA VAL A 12 6.54 5.89 -18.47
C VAL A 12 6.65 5.09 -19.76
N LEU A 13 6.08 5.59 -20.85
CA LEU A 13 6.16 4.84 -22.12
C LEU A 13 7.61 4.62 -22.55
N LYS A 14 8.42 5.66 -22.39
CA LYS A 14 9.81 5.61 -22.84
C LYS A 14 10.53 4.52 -22.07
N THR A 15 10.47 4.59 -20.75
CA THR A 15 11.10 3.61 -19.88
C THR A 15 10.74 2.18 -20.27
N VAL A 16 9.44 1.84 -20.26
CA VAL A 16 9.02 0.48 -20.54
C VAL A 16 9.42 0.05 -21.96
N LEU A 17 9.16 0.89 -22.96
CA LEU A 17 9.53 0.58 -24.33
C LEU A 17 11.03 0.30 -24.47
N GLU A 18 11.84 0.95 -23.62
CA GLU A 18 13.30 0.82 -23.66
C GLU A 18 13.76 -0.59 -23.33
N ASN A 19 12.99 -1.29 -22.53
CA ASN A 19 13.40 -2.63 -22.08
C ASN A 19 12.83 -3.74 -22.94
N GLU A 20 13.70 -4.49 -23.59
CA GLU A 20 13.26 -5.48 -24.57
C GLU A 20 12.53 -6.68 -23.94
N ASP A 21 12.90 -7.08 -22.73
CA ASP A 21 12.26 -8.25 -22.13
C ASP A 21 10.84 -7.92 -21.70
N ASP A 22 10.61 -6.68 -21.28
CA ASP A 22 9.27 -6.25 -20.97
C ASP A 22 8.41 -6.18 -22.23
N MET A 23 9.02 -5.73 -23.31
CA MET A 23 8.32 -5.64 -24.58
C MET A 23 7.87 -6.99 -25.13
N LEU A 24 8.46 -8.07 -24.66
CA LEU A 24 8.07 -9.40 -25.11
C LEU A 24 6.78 -9.87 -24.47
N LEU A 25 6.22 -9.03 -23.61
CA LEU A 25 4.99 -9.35 -22.92
C LEU A 25 3.82 -8.71 -23.67
N PHE A 26 4.13 -8.08 -24.80
CA PHE A 26 3.09 -7.52 -25.67
C PHE A 26 3.20 -8.09 -27.07
N ASP A 27 2.06 -8.36 -27.71
CA ASP A 27 2.09 -8.81 -29.11
C ASP A 27 2.14 -7.62 -30.08
N GLU A 28 2.16 -7.91 -31.37
CA GLU A 28 2.40 -6.90 -32.39
C GLU A 28 1.31 -5.84 -32.49
N GLN A 29 0.06 -6.26 -32.34
CA GLN A 29 -1.05 -5.33 -32.41
C GLN A 29 -1.00 -4.35 -31.25
N GLU A 30 -0.53 -4.86 -30.11
CA GLU A 30 -0.41 -4.06 -28.89
C GLU A 30 0.69 -3.01 -29.07
N LYS A 31 1.86 -3.44 -29.53
CA LYS A 31 2.94 -2.49 -29.82
C LYS A 31 2.47 -1.45 -30.84
N GLY A 32 1.72 -1.91 -31.85
CA GLY A 32 1.11 -1.05 -32.86
C GLY A 32 0.25 0.06 -32.29
N ILE A 33 -0.32 -0.19 -31.14
CA ILE A 33 -1.19 0.78 -30.52
C ILE A 33 -0.38 1.87 -29.84
N VAL A 34 0.79 1.52 -29.33
CA VAL A 34 1.67 2.53 -28.77
C VAL A 34 2.16 3.42 -29.92
N THR A 35 2.51 2.78 -31.03
CA THR A 35 2.89 3.53 -32.21
C THR A 35 1.79 4.49 -32.61
N LYS A 36 0.53 4.01 -32.62
CA LYS A 36 -0.57 4.88 -33.03
C LYS A 36 -0.73 6.05 -32.10
N PHE A 37 -0.47 5.83 -30.82
CA PHE A 37 -0.55 6.92 -29.85
C PHE A 37 0.48 7.97 -30.20
N TYR A 38 1.70 7.50 -30.52
CA TYR A 38 2.78 8.41 -30.85
C TYR A 38 2.46 9.19 -32.13
N GLN A 39 1.70 8.59 -33.03
CA GLN A 39 1.31 9.28 -34.25
C GLN A 39 0.17 10.28 -34.08
N LEU A 40 -0.37 10.41 -32.88
CA LEU A 40 -1.44 11.36 -32.66
C LEU A 40 -0.88 12.77 -32.64
N SER A 41 -1.67 13.73 -33.07
CA SER A 41 -1.30 15.12 -32.85
C SER A 41 -1.03 15.39 -31.36
N ALA A 42 -0.52 16.57 -31.05
CA ALA A 42 -0.25 16.93 -29.65
C ALA A 42 -1.54 17.13 -28.88
N THR A 43 -2.47 17.81 -29.51
CA THR A 43 -3.76 18.05 -28.89
C THR A 43 -4.44 16.71 -28.64
N GLY A 44 -4.29 15.77 -29.57
CA GLY A 44 -4.80 14.43 -29.41
C GLY A 44 -4.18 13.64 -28.27
N GLN A 45 -2.87 13.82 -28.08
CA GLN A 45 -2.20 13.07 -27.03
C GLN A 45 -2.66 13.59 -25.68
N LYS A 46 -2.85 14.90 -25.58
CA LYS A 46 -3.25 15.53 -24.33
C LYS A 46 -4.65 15.07 -23.88
N LEU A 47 -5.63 15.14 -24.78
CA LEU A 47 -6.99 14.66 -24.49
C LEU A 47 -7.00 13.18 -24.10
N TYR A 48 -6.29 12.34 -24.85
CA TYR A 48 -6.29 10.93 -24.51
C TYR A 48 -5.81 10.74 -23.08
N VAL A 49 -4.65 11.31 -22.74
CA VAL A 49 -4.18 11.13 -21.36
C VAL A 49 -5.16 11.75 -20.33
N ARG A 50 -5.75 12.91 -20.60
CA ARG A 50 -6.72 13.44 -19.62
C ARG A 50 -7.93 12.50 -19.46
N LEU A 51 -8.23 11.73 -20.49
CA LEU A 51 -9.37 10.83 -20.40
C LEU A 51 -8.91 9.49 -19.84
N PHE A 52 -7.67 9.12 -20.10
CA PHE A 52 -7.17 7.85 -19.60
C PHE A 52 -7.05 7.90 -18.08
N GLN A 53 -6.75 9.07 -17.51
CA GLN A 53 -6.63 9.18 -16.05
C GLN A 53 -7.99 9.12 -15.37
N ARG A 54 -9.06 9.38 -16.12
CA ARG A 54 -10.40 9.42 -15.55
C ARG A 54 -10.97 8.03 -15.40
N LYS A 55 -11.99 7.93 -14.55
CA LYS A 55 -12.72 6.69 -14.39
C LYS A 55 -13.20 6.19 -15.75
N LEU A 56 -13.07 4.87 -15.96
CA LEU A 56 -13.54 4.24 -17.17
C LEU A 56 -15.08 4.19 -17.20
N SER A 57 -15.69 5.19 -17.84
CA SER A 57 -17.11 5.21 -18.04
C SER A 57 -17.43 6.14 -19.21
N TRP A 58 -18.68 6.14 -19.64
CA TRP A 58 -19.07 7.00 -20.74
C TRP A 58 -19.11 8.44 -20.26
N ILE A 59 -18.77 9.38 -21.12
CA ILE A 59 -18.88 10.79 -20.75
C ILE A 59 -19.70 11.55 -21.79
N LYS A 60 -20.63 12.38 -21.35
CA LYS A 60 -21.42 13.17 -22.29
C LYS A 60 -20.54 14.22 -22.95
N MET A 61 -20.71 14.40 -24.26
CA MET A 61 -19.84 15.30 -25.00
C MET A 61 -20.01 16.76 -24.59
N THR A 62 -21.17 17.09 -24.05
CA THR A 62 -21.41 18.44 -23.55
C THR A 62 -20.79 18.66 -22.17
N LYS A 63 -20.27 17.60 -21.56
CA LYS A 63 -19.54 17.75 -20.30
C LYS A 63 -18.02 17.78 -20.49
N LEU A 64 -17.55 17.47 -21.70
CA LEU A 64 -16.11 17.50 -21.97
C LEU A 64 -15.60 18.91 -22.11
N GLU A 65 -14.73 19.31 -21.20
CA GLU A 65 -14.17 20.64 -21.30
C GLU A 65 -12.71 20.61 -20.86
N TYR A 66 -11.85 21.03 -21.79
CA TYR A 66 -10.43 21.19 -21.55
C TYR A 66 -9.96 22.38 -22.38
N GLU A 67 -10.23 23.57 -21.86
CA GLU A 67 -9.97 24.81 -22.59
C GLU A 67 -8.52 24.96 -22.95
N GLU A 68 -7.64 24.44 -22.11
CA GLU A 68 -6.21 24.53 -22.32
C GLU A 68 -5.77 23.67 -23.51
N ILE A 69 -6.63 22.74 -23.94
CA ILE A 69 -6.32 21.88 -25.09
C ILE A 69 -6.97 22.39 -26.38
N ALA A 70 -8.23 22.78 -26.29
CA ALA A 70 -8.96 23.35 -27.42
C ALA A 70 -10.27 23.90 -26.91
N LEU A 71 -10.76 24.96 -27.55
CA LEU A 71 -12.01 25.54 -27.09
C LEU A 71 -13.17 24.70 -27.58
N ASP A 72 -12.95 23.98 -28.67
CA ASP A 72 -13.90 22.97 -29.15
C ASP A 72 -13.17 21.66 -29.40
N LEU A 73 -13.56 20.64 -28.64
CA LEU A 73 -12.84 19.38 -28.65
C LEU A 73 -13.20 18.47 -29.82
N THR A 74 -14.30 18.80 -30.50
CA THR A 74 -14.87 17.91 -31.52
C THR A 74 -13.85 17.33 -32.51
N PRO A 75 -13.02 18.17 -33.14
CA PRO A 75 -12.12 17.48 -34.09
C PRO A 75 -11.07 16.59 -33.38
N VAL A 76 -10.72 16.94 -32.15
CA VAL A 76 -9.75 16.11 -31.42
C VAL A 76 -10.38 14.74 -31.09
N ILE A 77 -11.59 14.77 -30.53
CA ILE A 77 -12.41 13.57 -30.34
C ILE A 77 -12.45 12.76 -31.63
N GLU A 78 -12.69 13.45 -32.74
CA GLU A 78 -12.70 12.82 -34.04
C GLU A 78 -11.39 12.11 -34.37
N GLU A 79 -10.25 12.79 -34.16
CA GLU A 79 -8.94 12.15 -34.32
C GLU A 79 -8.81 10.89 -33.47
N LEU A 80 -9.15 11.01 -32.19
CA LEU A 80 -9.00 9.88 -31.26
C LEU A 80 -9.95 8.74 -31.65
N THR A 81 -11.14 9.09 -32.15
CA THR A 81 -12.08 8.04 -32.61
C THR A 81 -11.57 7.32 -33.86
N ASN A 82 -11.11 8.08 -34.85
CA ASN A 82 -10.62 7.49 -36.10
C ASN A 82 -9.45 6.57 -35.83
N ALA A 83 -8.68 6.91 -34.80
CA ALA A 83 -7.47 6.16 -34.47
C ALA A 83 -7.75 4.94 -33.59
N GLY A 84 -9.00 4.79 -33.16
CA GLY A 84 -9.40 3.64 -32.35
C GLY A 84 -9.14 3.78 -30.85
N PHE A 85 -9.11 5.01 -30.36
CA PHE A 85 -8.72 5.27 -28.98
C PHE A 85 -9.95 5.63 -28.12
N LEU A 86 -10.94 6.30 -28.73
CA LEU A 86 -12.25 6.58 -28.11
C LEU A 86 -13.36 5.91 -28.92
N GLN A 87 -14.44 5.51 -28.28
CA GLN A 87 -15.63 5.08 -29.01
C GLN A 87 -16.75 6.06 -28.67
N THR A 88 -17.66 6.24 -29.63
CA THR A 88 -18.83 7.11 -29.49
C THR A 88 -20.10 6.31 -29.14
N GLU A 89 -21.19 7.00 -28.88
CA GLU A 89 -22.42 6.37 -28.40
C GLU A 89 -23.04 5.34 -29.36
N SER A 90 -22.54 5.28 -30.60
CA SER A 90 -22.98 4.24 -31.52
C SER A 90 -22.61 2.87 -30.99
N GLU A 91 -21.60 2.80 -30.11
CA GLU A 91 -21.15 1.52 -29.56
C GLU A 91 -21.59 1.39 -28.12
N LEU A 92 -22.36 2.36 -27.65
CA LEU A 92 -23.03 2.23 -26.36
C LEU A 92 -24.23 1.27 -26.47
N GLN A 93 -24.01 0.02 -26.03
CA GLN A 93 -25.01 -1.04 -26.23
C GLN A 93 -25.45 -1.73 -24.94
N GLU A 94 -24.86 -1.31 -23.82
CA GLU A 94 -25.15 -1.92 -22.52
C GLU A 94 -26.09 -1.05 -21.70
N LEU A 95 -27.22 -1.62 -21.30
CA LEU A 95 -28.22 -0.87 -20.57
C LEU A 95 -27.68 -0.29 -19.27
N SER A 96 -26.93 -1.08 -18.50
CA SER A 96 -26.32 -0.57 -17.27
C SER A 96 -25.40 0.64 -17.55
N GLU A 97 -24.57 0.55 -18.60
CA GLU A 97 -23.65 1.65 -18.92
C GLU A 97 -24.42 2.92 -19.22
N VAL A 98 -25.57 2.83 -19.93
CA VAL A 98 -26.29 4.07 -20.28
C VAL A 98 -27.06 4.58 -19.07
N LEU A 99 -27.62 3.68 -18.28
CA LEU A 99 -28.30 4.10 -17.07
C LEU A 99 -27.32 4.77 -16.13
N GLU A 100 -26.04 4.42 -16.19
CA GLU A 100 -25.04 5.10 -15.37
C GLU A 100 -24.74 6.52 -15.88
N LEU A 101 -24.85 6.71 -17.19
CA LEU A 101 -24.56 8.00 -17.80
C LEU A 101 -25.58 9.14 -17.53
N LEU A 102 -26.84 8.83 -17.20
CA LEU A 102 -27.87 9.88 -17.05
C LEU A 102 -27.86 10.59 -15.67
N SER A 103 -28.11 11.89 -15.71
CA SER A 103 -28.27 12.70 -14.51
C SER A 103 -29.52 12.31 -13.75
N ALA A 104 -29.82 13.04 -12.68
CA ALA A 104 -30.98 12.69 -11.85
C ALA A 104 -32.29 13.06 -12.51
N PRO A 105 -32.45 14.30 -13.00
CA PRO A 105 -33.70 14.58 -13.72
C PRO A 105 -33.98 13.62 -14.89
N GLU A 106 -32.95 13.25 -15.65
CA GLU A 106 -33.14 12.41 -16.83
C GLU A 106 -33.63 11.02 -16.45
N LEU A 107 -33.03 10.47 -15.39
CA LEU A 107 -33.43 9.15 -14.93
C LEU A 107 -34.88 9.18 -14.46
N LYS A 108 -35.26 10.30 -13.83
CA LYS A 108 -36.63 10.50 -13.40
C LYS A 108 -37.53 10.55 -14.62
N SER A 109 -37.17 11.38 -15.59
CA SER A 109 -37.91 11.51 -16.85
C SER A 109 -38.13 10.15 -17.50
N LEU A 110 -37.06 9.40 -17.67
CA LEU A 110 -37.16 8.06 -18.24
C LEU A 110 -38.11 7.21 -17.42
N ALA A 111 -38.08 7.39 -16.10
CA ALA A 111 -38.89 6.60 -15.19
C ALA A 111 -40.38 6.85 -15.44
N LYS A 112 -40.75 8.12 -15.61
CA LYS A 112 -42.12 8.46 -15.90
C LYS A 112 -42.53 7.85 -17.24
N THR A 113 -41.65 7.98 -18.23
CA THR A 113 -41.83 7.41 -19.56
C THR A 113 -42.23 5.94 -19.54
N PHE A 114 -41.52 5.11 -18.78
CA PHE A 114 -41.87 3.70 -18.76
C PHE A 114 -42.85 3.32 -17.64
N HIS A 115 -43.52 4.33 -17.09
CA HIS A 115 -44.48 4.13 -16.01
C HIS A 115 -43.85 3.38 -14.85
N LEU A 116 -42.63 3.75 -14.47
CA LEU A 116 -42.08 3.21 -13.24
C LEU A 116 -42.80 3.86 -12.08
N VAL A 117 -43.10 3.06 -11.07
CA VAL A 117 -43.50 3.56 -9.77
C VAL A 117 -42.28 4.18 -9.09
N ASN A 118 -42.53 4.91 -8.00
CA ASN A 118 -41.53 5.76 -7.31
C ASN A 118 -40.49 6.45 -8.22
N PRO A 119 -40.94 7.20 -9.24
CA PRO A 119 -40.00 7.95 -10.11
C PRO A 119 -39.18 8.97 -9.32
N ASN A 120 -39.70 9.43 -8.19
CA ASN A 120 -38.94 10.34 -7.32
C ASN A 120 -38.01 9.56 -6.42
N GLY A 121 -37.97 8.24 -6.59
CA GLY A 121 -37.00 7.39 -5.92
C GLY A 121 -35.57 7.78 -6.26
N GLN A 122 -34.63 7.30 -5.46
CA GLN A 122 -33.21 7.59 -5.65
C GLN A 122 -32.67 6.89 -6.90
N LYS A 123 -31.56 7.41 -7.42
CA LYS A 123 -30.99 6.95 -8.69
C LYS A 123 -30.75 5.46 -8.70
N GLN A 124 -30.10 4.96 -7.65
CA GLN A 124 -29.80 3.55 -7.59
C GLN A 124 -31.09 2.70 -7.58
N GLN A 125 -32.18 3.23 -7.02
CA GLN A 125 -33.45 2.49 -7.02
C GLN A 125 -34.02 2.43 -8.45
N LEU A 126 -34.08 3.60 -9.11
CA LEU A 126 -34.41 3.66 -10.53
C LEU A 126 -33.55 2.73 -11.41
N VAL A 127 -32.22 2.83 -11.30
CA VAL A 127 -31.30 1.98 -12.06
C VAL A 127 -31.66 0.52 -11.86
N ASP A 128 -31.88 0.15 -10.61
CA ASP A 128 -32.27 -1.21 -10.26
C ASP A 128 -33.66 -1.59 -10.81
N ALA A 129 -34.62 -0.69 -10.70
CA ALA A 129 -35.94 -0.94 -11.27
C ALA A 129 -35.84 -1.15 -12.79
N PHE A 130 -35.11 -0.28 -13.50
CA PHE A 130 -35.01 -0.41 -14.96
C PHE A 130 -34.42 -1.74 -15.39
N LEU A 131 -33.39 -2.19 -14.68
CA LEU A 131 -32.69 -3.38 -15.11
C LEU A 131 -33.53 -4.61 -14.84
N LYS A 132 -34.32 -4.57 -13.78
CA LYS A 132 -35.27 -5.65 -13.51
C LYS A 132 -36.33 -5.64 -14.62
N LEU A 133 -36.96 -4.49 -14.81
CA LEU A 133 -37.90 -4.31 -15.90
C LEU A 133 -37.38 -4.85 -17.22
N ALA A 134 -36.07 -4.75 -17.44
CA ALA A 134 -35.46 -5.25 -18.68
C ALA A 134 -35.34 -6.78 -18.68
N LYS A 135 -35.49 -7.40 -17.52
CA LYS A 135 -35.39 -8.85 -17.41
C LYS A 135 -36.73 -9.57 -17.64
N GLN A 136 -37.75 -8.87 -18.14
CA GLN A 136 -39.04 -9.49 -18.39
C GLN A 136 -38.89 -10.67 -19.35
N LYS A 146 -35.09 -13.80 -23.26
CA LYS A 146 -34.77 -13.53 -24.65
C LYS A 146 -36.03 -13.57 -25.55
N PRO A 147 -36.33 -12.42 -26.23
CA PRO A 147 -35.66 -11.13 -25.93
C PRO A 147 -36.51 -10.29 -24.99
N GLY A 148 -35.86 -9.33 -24.36
CA GLY A 148 -36.57 -8.43 -23.49
C GLY A 148 -36.72 -7.00 -23.98
N ILE A 149 -37.49 -6.23 -23.21
CA ILE A 149 -37.73 -4.81 -23.43
C ILE A 149 -36.46 -3.95 -23.14
N GLY A 150 -35.34 -4.60 -22.92
CA GLY A 150 -34.10 -3.90 -22.60
C GLY A 150 -33.72 -2.94 -23.71
N ALA A 151 -33.76 -3.44 -24.94
CA ALA A 151 -33.50 -2.67 -26.15
C ALA A 151 -34.25 -1.34 -26.21
N VAL A 152 -35.52 -1.33 -25.75
CA VAL A 152 -36.32 -0.11 -25.78
C VAL A 152 -35.91 0.87 -24.68
N ILE A 153 -35.63 0.35 -23.50
CA ILE A 153 -35.14 1.23 -22.47
C ILE A 153 -33.81 1.83 -22.94
N LEU A 154 -33.00 1.00 -23.62
CA LEU A 154 -31.69 1.45 -24.11
C LEU A 154 -31.81 2.63 -25.08
N LYS A 155 -32.75 2.55 -26.04
CA LYS A 155 -32.76 3.55 -27.11
C LYS A 155 -33.27 4.87 -26.52
N ARG A 156 -34.23 4.76 -25.62
CA ARG A 156 -34.85 5.96 -25.08
C ARG A 156 -33.87 6.69 -24.12
N ALA A 157 -33.09 5.91 -23.38
CA ALA A 157 -32.02 6.48 -22.52
C ALA A 157 -30.95 7.20 -23.36
N LYS A 158 -30.57 6.57 -24.48
CA LYS A 158 -29.57 7.17 -25.38
C LYS A 158 -30.11 8.45 -26.01
N ALA A 159 -31.40 8.47 -26.33
CA ALA A 159 -32.03 9.71 -26.81
C ALA A 159 -31.87 10.82 -25.77
N LEU A 160 -32.05 10.48 -24.51
CA LEU A 160 -31.87 11.45 -23.44
C LEU A 160 -30.39 11.84 -23.27
N ALA A 161 -29.50 10.85 -23.18
CA ALA A 161 -28.08 11.12 -22.87
C ALA A 161 -27.39 11.95 -23.96
N GLY A 162 -27.71 11.67 -25.22
CA GLY A 162 -27.07 12.37 -26.32
C GLY A 162 -25.66 11.90 -26.58
N GLN A 163 -24.92 12.68 -27.37
CA GLN A 163 -23.59 12.34 -27.81
C GLN A 163 -22.65 12.10 -26.63
N SER A 164 -21.93 10.97 -26.66
CA SER A 164 -21.14 10.53 -25.54
C SER A 164 -19.91 9.79 -26.02
N VAL A 165 -18.84 9.81 -25.22
CA VAL A 165 -17.65 9.07 -25.62
C VAL A 165 -17.13 8.25 -24.47
N ARG A 166 -16.42 7.19 -24.81
CA ARG A 166 -15.73 6.39 -23.82
C ARG A 166 -14.37 5.94 -24.37
N ILE A 167 -13.34 5.96 -23.50
CA ILE A 167 -12.04 5.36 -23.76
C ILE A 167 -12.14 3.90 -24.16
N CYS A 168 -11.61 3.51 -25.32
CA CYS A 168 -11.74 2.11 -25.74
C CYS A 168 -10.92 1.20 -24.86
N LYS A 169 -11.46 0.01 -24.57
CA LYS A 169 -10.86 -0.83 -23.56
C LYS A 169 -9.62 -1.56 -24.01
N GLY A 170 -9.55 -1.93 -25.28
CA GLY A 170 -8.35 -2.58 -25.82
C GLY A 170 -7.09 -1.73 -25.57
N PRO A 171 -7.00 -0.57 -26.21
CA PRO A 171 -5.81 0.28 -26.04
C PRO A 171 -5.58 0.67 -24.58
N ARG A 172 -6.66 0.97 -23.86
CA ARG A 172 -6.52 1.34 -22.46
C ARG A 172 -5.81 0.24 -21.67
N ALA A 173 -6.13 -1.03 -21.95
CA ALA A 173 -5.51 -2.10 -21.16
C ALA A 173 -4.05 -2.26 -21.51
N VAL A 174 -3.65 -1.79 -22.71
CA VAL A 174 -2.25 -1.88 -23.09
C VAL A 174 -1.45 -0.90 -22.23
N PHE A 175 -1.93 0.34 -22.16
CA PHE A 175 -1.27 1.37 -21.40
C PHE A 175 -1.31 0.98 -19.94
N SER A 176 -2.39 0.34 -19.56
CA SER A 176 -2.57 -0.13 -18.19
C SER A 176 -1.48 -1.10 -17.76
N ARG A 177 -1.17 -2.07 -18.63
CA ARG A 177 -0.12 -3.02 -18.34
C ARG A 177 1.26 -2.35 -18.42
N ILE A 178 1.42 -1.36 -19.28
CA ILE A 178 2.69 -0.63 -19.36
C ILE A 178 2.93 0.10 -18.04
N LEU A 179 1.93 0.84 -17.57
CA LEU A 179 1.96 1.46 -16.25
C LEU A 179 2.35 0.48 -15.15
N LEU A 180 1.77 -0.70 -15.18
CA LEU A 180 2.08 -1.71 -14.17
C LEU A 180 3.56 -2.03 -14.23
N LEU A 181 4.06 -2.24 -15.44
CA LEU A 181 5.45 -2.62 -15.64
C LEU A 181 6.43 -1.57 -15.15
N PHE A 182 6.01 -0.32 -15.17
CA PHE A 182 6.89 0.78 -14.84
C PHE A 182 7.05 0.89 -13.32
N SER A 183 5.97 0.70 -12.60
CA SER A 183 6.02 0.82 -11.16
C SER A 183 5.21 -0.30 -10.53
N LEU A 184 5.85 -1.46 -10.39
CA LEU A 184 5.23 -2.64 -9.79
C LEU A 184 4.87 -2.47 -8.30
N THR A 185 5.62 -1.63 -7.58
CA THR A 185 5.33 -1.41 -6.15
C THR A 185 4.13 -0.49 -5.90
N ASP A 186 3.45 -0.05 -6.95
CA ASP A 186 2.23 0.74 -6.80
C ASP A 186 0.98 -0.14 -6.91
N SER A 187 1.18 -1.39 -7.35
CA SER A 187 0.10 -2.33 -7.61
C SER A 187 -0.60 -2.85 -6.35
N MET A 188 0.17 -3.14 -5.31
CA MET A 188 -0.39 -3.61 -4.05
C MET A 188 -0.32 -2.52 -2.98
N GLU A 189 0.01 -1.30 -3.40
CA GLU A 189 0.16 -0.15 -2.52
C GLU A 189 -1.09 0.10 -1.68
N ASP A 190 -2.26 -0.05 -2.30
CA ASP A 190 -3.52 0.09 -1.57
C ASP A 190 -3.52 -0.96 -0.46
N GLU A 191 -3.71 -0.49 0.77
CA GLU A 191 -3.48 -1.29 1.99
C GLU A 191 -1.99 -1.62 2.15
N GLY A 199 6.83 1.35 -0.77
CA GLY A 199 7.13 -0.05 -0.56
C GLY A 199 7.89 -0.31 0.73
N LEU A 205 3.24 6.53 -8.72
CA LEU A 205 3.11 7.14 -10.04
C LEU A 205 2.67 8.59 -9.92
N LEU A 206 3.10 9.24 -8.86
CA LEU A 206 2.58 10.55 -8.51
C LEU A 206 2.95 11.63 -9.55
N VAL A 207 2.27 12.76 -9.44
CA VAL A 207 2.25 13.83 -10.44
C VAL A 207 3.61 14.35 -10.89
N ASN A 208 4.54 14.52 -9.96
CA ASN A 208 5.79 15.22 -10.27
C ASN A 208 6.68 14.48 -11.25
N LEU A 209 6.32 13.23 -11.56
CA LEU A 209 7.20 12.29 -12.23
C LEU A 209 8.12 12.89 -13.29
N GLY A 210 7.59 13.79 -14.11
CA GLY A 210 8.43 14.49 -15.07
C GLY A 210 9.54 15.30 -14.40
N ARG A 211 9.33 15.72 -13.16
CA ARG A 211 10.24 16.68 -12.53
C ARG A 211 11.07 16.16 -11.36
N MET A 212 10.69 15.02 -10.79
CA MET A 212 11.44 14.50 -9.64
C MET A 212 12.76 13.84 -10.07
N GLU A 213 13.83 14.17 -9.36
CA GLU A 213 15.15 13.61 -9.58
C GLU A 213 15.32 12.39 -8.66
N PHE A 214 15.65 11.24 -9.21
CA PHE A 214 15.79 10.02 -8.39
C PHE A 214 17.26 9.80 -7.95
N PRO A 215 17.51 8.87 -7.02
CA PRO A 215 18.92 8.67 -6.67
C PRO A 215 19.68 8.00 -7.81
N SER A 216 21.01 7.96 -7.69
CA SER A 216 21.80 7.30 -8.72
C SER A 216 22.05 5.88 -8.30
N TYR A 217 22.08 4.96 -9.25
CA TYR A 217 22.33 3.55 -9.01
C TYR A 217 22.40 2.94 -10.39
N THR A 218 22.82 1.69 -10.51
CA THR A 218 22.91 1.12 -11.84
C THR A 218 21.83 0.02 -12.01
N ILE A 219 21.06 0.09 -13.12
CA ILE A 219 20.05 -0.93 -13.42
C ILE A 219 20.75 -2.28 -13.52
N ASN A 220 20.19 -3.33 -12.90
CA ASN A 220 20.81 -4.65 -13.01
C ASN A 220 19.73 -5.73 -12.91
N ARG A 221 19.20 -6.16 -14.06
CA ARG A 221 18.17 -7.22 -14.14
C ARG A 221 18.75 -8.59 -14.48
N LYS A 222 18.19 -9.64 -13.88
CA LYS A 222 18.66 -10.99 -14.11
C LYS A 222 17.51 -11.97 -14.24
N THR A 223 16.37 -11.62 -13.66
CA THR A 223 15.25 -12.56 -13.53
C THR A 223 13.98 -12.03 -14.15
N HIS A 224 13.30 -12.89 -14.89
CA HIS A 224 11.98 -12.58 -15.41
C HIS A 224 10.98 -12.72 -14.31
N ILE A 225 10.12 -11.72 -14.20
CA ILE A 225 9.03 -11.77 -13.25
C ILE A 225 7.82 -12.44 -13.90
N PHE A 226 7.52 -12.03 -15.13
CA PHE A 226 6.36 -12.57 -15.83
C PHE A 226 6.79 -13.56 -16.89
N GLN A 227 6.17 -14.72 -16.87
CA GLN A 227 6.55 -15.80 -17.78
C GLN A 227 6.22 -15.47 -19.22
N ASP A 228 5.10 -14.79 -19.44
CA ASP A 228 4.71 -14.37 -20.78
C ASP A 228 3.60 -13.34 -20.72
N ARG A 229 3.16 -12.92 -21.90
CA ARG A 229 2.05 -12.00 -22.07
C ARG A 229 0.85 -12.38 -21.22
N ASP A 230 0.53 -13.68 -21.19
CA ASP A 230 -0.61 -14.18 -20.42
C ASP A 230 -0.44 -14.01 -18.92
N ASP A 231 0.75 -14.36 -18.44
CA ASP A 231 1.16 -14.17 -17.04
C ASP A 231 0.92 -12.73 -16.59
N LEU A 232 1.40 -11.78 -17.38
CA LEU A 232 1.19 -10.38 -17.06
C LEU A 232 -0.30 -10.02 -17.01
N ILE A 233 -1.07 -10.56 -17.97
CA ILE A 233 -2.50 -10.27 -18.04
C ILE A 233 -3.25 -10.85 -16.83
N ARG A 234 -2.88 -12.06 -16.43
CA ARG A 234 -3.51 -12.64 -15.24
C ARG A 234 -3.10 -11.81 -14.02
N TYR A 235 -1.81 -11.44 -13.94
CA TYR A 235 -1.35 -10.56 -12.86
C TYR A 235 -2.20 -9.28 -12.76
N ALA A 236 -2.37 -8.62 -13.91
CA ALA A 236 -3.08 -7.35 -13.95
C ALA A 236 -4.52 -7.51 -13.52
N ALA A 237 -5.16 -8.61 -13.92
CA ALA A 237 -6.57 -8.78 -13.57
C ALA A 237 -6.71 -9.02 -12.06
N ALA A 238 -5.76 -9.73 -11.48
CA ALA A 238 -5.80 -9.91 -10.04
C ALA A 238 -5.68 -8.53 -9.36
N THR A 239 -4.74 -7.73 -9.84
CA THR A 239 -4.51 -6.39 -9.31
C THR A 239 -5.81 -5.57 -9.27
N HIS A 240 -6.52 -5.54 -10.40
CA HIS A 240 -7.73 -4.75 -10.52
C HIS A 240 -8.81 -5.25 -9.57
N MET A 241 -8.93 -6.57 -9.47
CA MET A 241 -9.86 -7.16 -8.51
C MET A 241 -9.54 -6.71 -7.08
N LEU A 242 -8.27 -6.78 -6.70
CA LEU A 242 -7.85 -6.40 -5.34
C LEU A 242 -8.18 -4.94 -5.11
N SER A 243 -8.00 -4.15 -6.16
CA SER A 243 -8.34 -2.75 -6.09
C SER A 243 -9.84 -2.54 -5.95
N ASP A 244 -10.62 -3.35 -6.66
CA ASP A 244 -12.08 -3.28 -6.54
C ASP A 244 -12.56 -3.59 -5.14
N ILE A 245 -12.15 -4.75 -4.64
CA ILE A 245 -12.53 -5.22 -3.32
C ILE A 245 -12.16 -4.21 -2.25
N SER A 246 -10.94 -3.70 -2.33
CA SER A 246 -10.46 -2.70 -1.39
C SER A 246 -11.35 -1.48 -1.39
N SER A 247 -11.67 -0.99 -2.58
CA SER A 247 -12.58 0.13 -2.71
C SER A 247 -13.90 -0.12 -1.99
N ALA A 248 -14.51 -1.28 -2.25
CA ALA A 248 -15.77 -1.66 -1.61
C ALA A 248 -15.68 -1.62 -0.08
N MET A 249 -14.74 -2.36 0.48
CA MET A 249 -14.53 -2.40 1.92
C MET A 249 -14.40 -1.00 2.53
N ALA A 250 -13.68 -0.12 1.84
CA ALA A 250 -13.39 1.20 2.38
C ALA A 250 -14.67 2.02 2.52
N ASN A 251 -15.64 1.77 1.63
CA ASN A 251 -16.92 2.49 1.63
C ASN A 251 -17.98 1.80 2.45
N GLY A 252 -17.61 0.72 3.13
CA GLY A 252 -18.56 0.00 3.97
C GLY A 252 -19.55 -0.82 3.17
N ASN A 253 -19.23 -1.11 1.92
CA ASN A 253 -20.07 -1.98 1.12
C ASN A 253 -19.62 -3.44 1.23
N TRP A 254 -19.75 -3.99 2.42
CA TRP A 254 -19.16 -5.27 2.75
C TRP A 254 -19.82 -6.42 2.02
N GLU A 255 -21.09 -6.25 1.67
CA GLU A 255 -21.82 -7.28 0.94
C GLU A 255 -21.31 -7.42 -0.49
N GLU A 256 -21.19 -6.29 -1.18
CA GLU A 256 -20.56 -6.26 -2.49
C GLU A 256 -19.08 -6.71 -2.38
N ALA A 257 -18.41 -6.31 -1.30
CA ALA A 257 -17.02 -6.70 -1.09
C ALA A 257 -16.87 -8.21 -1.01
N LYS A 258 -17.88 -8.86 -0.43
CA LYS A 258 -17.88 -10.30 -0.22
C LYS A 258 -18.00 -11.07 -1.54
N GLU A 259 -18.93 -10.63 -2.39
CA GLU A 259 -19.19 -11.31 -3.64
C GLU A 259 -18.00 -11.19 -4.58
N LEU A 260 -17.45 -9.99 -4.66
CA LEU A 260 -16.20 -9.76 -5.39
C LEU A 260 -15.12 -10.71 -4.91
N ALA A 261 -14.97 -10.83 -3.59
CA ALA A 261 -13.97 -11.73 -3.03
C ALA A 261 -14.26 -13.20 -3.36
N GLN A 262 -15.54 -13.56 -3.38
CA GLN A 262 -15.92 -14.93 -3.69
C GLN A 262 -15.60 -15.29 -5.14
N CYS A 263 -15.83 -14.35 -6.05
CA CYS A 263 -15.42 -14.53 -7.43
C CYS A 263 -13.89 -14.66 -7.54
N ALA A 264 -13.18 -13.74 -6.91
CA ALA A 264 -11.73 -13.77 -6.89
C ALA A 264 -11.28 -15.11 -6.33
N LYS A 265 -11.99 -15.55 -5.30
CA LYS A 265 -11.68 -16.83 -4.70
C LYS A 265 -11.84 -17.90 -5.74
N ARG A 266 -12.91 -17.82 -6.55
CA ARG A 266 -13.17 -18.80 -7.63
C ARG A 266 -12.12 -18.79 -8.73
N ASP A 267 -11.66 -17.61 -9.11
CA ASP A 267 -10.62 -17.52 -10.13
C ASP A 267 -9.29 -18.12 -9.66
N TRP A 268 -8.98 -18.00 -8.37
CA TRP A 268 -7.70 -18.49 -7.87
C TRP A 268 -7.55 -20.02 -7.86
N ASN A 269 -8.53 -20.73 -7.29
N ASN A 269 -8.54 -20.74 -7.31
CA ASN A 269 -8.51 -22.20 -7.28
CA ASN A 269 -8.50 -22.20 -7.30
C ASN A 269 -8.54 -22.72 -8.70
C ASN A 269 -8.56 -22.75 -8.71
N ARG A 270 -9.30 -22.04 -9.55
CA ARG A 270 -9.40 -22.39 -10.98
C ARG A 270 -8.04 -22.27 -11.69
N LEU A 271 -7.09 -21.64 -11.02
CA LEU A 271 -5.81 -21.32 -11.61
C LEU A 271 -4.68 -22.12 -10.96
N LYS A 272 -4.90 -22.59 -9.73
CA LYS A 272 -3.87 -23.38 -9.03
C LYS A 272 -3.44 -24.61 -9.82
N ASN A 273 -2.15 -24.91 -9.71
CA ASN A 273 -1.41 -25.89 -10.51
C ASN A 273 -1.16 -25.50 -11.97
N HIS A 274 -1.42 -24.25 -12.33
CA HIS A 274 -0.93 -23.72 -13.59
C HIS A 274 0.60 -23.71 -13.60
N PRO A 275 1.21 -24.12 -14.73
CA PRO A 275 2.68 -24.19 -14.83
C PRO A 275 3.42 -22.90 -14.52
N SER A 276 2.76 -21.76 -14.67
CA SER A 276 3.43 -20.50 -14.46
C SER A 276 3.72 -20.27 -12.98
N LEU A 277 2.95 -20.93 -12.12
CA LEU A 277 3.09 -20.76 -10.69
C LEU A 277 4.40 -21.34 -10.20
N ARG A 278 4.81 -22.45 -10.82
CA ARG A 278 6.06 -23.08 -10.42
C ARG A 278 7.23 -22.11 -10.53
N CYS A 279 7.21 -21.29 -11.58
CA CYS A 279 8.25 -20.31 -11.80
C CYS A 279 8.15 -19.14 -10.82
N HIS A 280 6.93 -18.79 -10.45
CA HIS A 280 6.74 -17.76 -9.42
C HIS A 280 7.31 -18.19 -8.06
N GLU A 281 7.18 -19.48 -7.73
CA GLU A 281 7.68 -19.99 -6.46
C GLU A 281 9.20 -19.93 -6.37
N ASP A 282 9.87 -19.84 -7.51
CA ASP A 282 11.33 -19.81 -7.53
C ASP A 282 11.87 -18.39 -7.41
N LEU A 283 11.00 -17.40 -7.56
CA LEU A 283 11.41 -16.02 -7.35
C LEU A 283 11.72 -15.72 -5.88
N PRO A 284 12.71 -14.87 -5.64
CA PRO A 284 12.93 -14.40 -4.27
C PRO A 284 11.73 -13.59 -3.79
N LEU A 285 11.52 -13.53 -2.49
CA LEU A 285 10.36 -12.86 -1.92
C LEU A 285 10.13 -11.44 -2.44
N PHE A 286 11.19 -10.68 -2.71
CA PHE A 286 11.00 -9.27 -3.04
C PHE A 286 10.57 -9.08 -4.49
N LEU A 287 10.64 -10.14 -5.30
CA LEU A 287 10.00 -10.17 -6.61
C LEU A 287 8.67 -10.93 -6.58
N ARG A 288 8.60 -11.93 -5.71
CA ARG A 288 7.46 -12.83 -5.65
C ARG A 288 6.17 -12.08 -5.35
N CYS A 289 6.31 -10.91 -4.74
CA CYS A 289 5.14 -10.10 -4.42
C CYS A 289 4.53 -9.50 -5.69
N PHE A 290 5.22 -9.68 -6.81
CA PHE A 290 4.78 -9.17 -8.11
C PHE A 290 4.26 -10.31 -8.99
N THR A 291 3.49 -11.21 -8.39
CA THR A 291 2.97 -12.37 -9.09
C THR A 291 1.48 -12.59 -8.78
N VAL A 292 0.79 -13.30 -9.66
CA VAL A 292 -0.65 -13.47 -9.54
C VAL A 292 -1.06 -14.13 -8.22
N GLY A 293 -0.34 -15.19 -7.81
CA GLY A 293 -0.68 -15.92 -6.61
C GLY A 293 -0.62 -15.08 -5.35
N TRP A 294 0.42 -14.26 -5.24
CA TRP A 294 0.63 -13.36 -4.11
C TRP A 294 -0.52 -12.39 -3.99
N ILE A 295 -0.94 -11.86 -5.13
CA ILE A 295 -2.08 -10.95 -5.16
C ILE A 295 -3.39 -11.62 -4.69
N TYR A 296 -3.61 -12.87 -5.10
CA TYR A 296 -4.85 -13.54 -4.68
C TYR A 296 -4.80 -13.88 -3.20
N THR A 297 -3.59 -14.13 -2.70
CA THR A 297 -3.40 -14.34 -1.27
C THR A 297 -3.80 -13.08 -0.53
N ARG A 298 -3.35 -11.92 -1.02
CA ARG A 298 -3.74 -10.65 -0.42
C ARG A 298 -5.26 -10.52 -0.50
N ILE A 299 -5.83 -10.93 -1.62
CA ILE A 299 -7.27 -10.87 -1.77
C ILE A 299 -7.96 -11.73 -0.71
N LEU A 300 -7.46 -12.95 -0.54
CA LEU A 300 -8.00 -13.86 0.49
C LEU A 300 -7.87 -13.27 1.89
N SER A 301 -6.81 -12.50 2.10
CA SER A 301 -6.60 -11.90 3.41
C SER A 301 -7.65 -10.83 3.69
N ARG A 302 -8.02 -10.05 2.69
CA ARG A 302 -9.09 -9.08 2.90
C ARG A 302 -10.42 -9.80 3.09
N PHE A 303 -10.53 -10.96 2.45
CA PHE A 303 -11.74 -11.77 2.52
C PHE A 303 -12.01 -12.09 3.99
N VAL A 304 -10.93 -12.33 4.73
CA VAL A 304 -11.06 -12.64 6.14
C VAL A 304 -11.76 -11.48 6.87
N GLU A 305 -11.28 -10.27 6.62
CA GLU A 305 -11.82 -9.08 7.29
C GLU A 305 -13.28 -8.87 6.92
N ILE A 306 -13.62 -9.20 5.69
CA ILE A 306 -14.98 -9.03 5.23
C ILE A 306 -15.90 -9.99 5.95
N LEU A 307 -15.53 -11.27 5.97
CA LEU A 307 -16.30 -12.29 6.66
C LEU A 307 -16.59 -11.87 8.13
N GLN A 308 -15.60 -11.28 8.79
CA GLN A 308 -15.76 -10.85 10.17
C GLN A 308 -16.70 -9.67 10.33
N ARG A 309 -16.56 -8.67 9.47
CA ARG A 309 -17.49 -7.56 9.46
C ARG A 309 -18.94 -8.03 9.32
N LEU A 310 -19.12 -9.13 8.60
CA LEU A 310 -20.43 -9.73 8.38
C LEU A 310 -20.77 -10.78 9.44
N HIS A 311 -19.89 -10.92 10.43
CA HIS A 311 -20.08 -11.81 11.57
C HIS A 311 -20.02 -13.29 11.21
N MET A 312 -19.46 -13.60 10.05
CA MET A 312 -19.32 -14.99 9.60
C MET A 312 -18.02 -15.58 10.14
N TYR A 313 -17.93 -15.63 11.45
CA TYR A 313 -16.69 -15.99 12.15
C TYR A 313 -16.29 -17.44 11.85
N GLU A 314 -17.30 -18.29 11.66
CA GLU A 314 -17.07 -19.66 11.22
C GLU A 314 -16.24 -19.70 9.94
N GLU A 315 -16.73 -19.04 8.89
CA GLU A 315 -16.09 -19.04 7.57
C GLU A 315 -14.70 -18.37 7.58
N ALA A 316 -14.58 -17.33 8.40
CA ALA A 316 -13.33 -16.61 8.54
C ALA A 316 -12.20 -17.53 8.97
N VAL A 317 -12.53 -18.46 9.86
CA VAL A 317 -11.53 -19.35 10.43
C VAL A 317 -10.95 -20.35 9.40
N ARG A 318 -11.79 -20.89 8.51
CA ARG A 318 -11.28 -21.82 7.50
C ARG A 318 -10.37 -21.07 6.56
N GLU A 319 -10.76 -19.86 6.14
CA GLU A 319 -9.93 -19.06 5.26
C GLU A 319 -8.56 -18.78 5.89
N LEU A 320 -8.55 -18.50 7.20
CA LEU A 320 -7.30 -18.25 7.93
C LEU A 320 -6.43 -19.48 7.95
N GLU A 321 -7.06 -20.63 8.12
CA GLU A 321 -6.36 -21.91 8.25
C GLU A 321 -5.80 -22.31 6.90
N SER A 322 -6.55 -21.98 5.87
CA SER A 322 -6.11 -22.16 4.51
C SER A 322 -4.89 -21.29 4.18
N LEU A 323 -4.98 -19.99 4.45
CA LEU A 323 -3.82 -19.09 4.28
C LEU A 323 -2.61 -19.62 5.02
N LEU A 324 -2.82 -20.03 6.25
CA LEU A 324 -1.70 -20.50 7.05
C LEU A 324 -1.21 -21.88 6.63
N SER A 325 -1.95 -22.58 5.78
CA SER A 325 -1.55 -23.94 5.43
C SER A 325 -0.53 -23.96 4.29
N GLN A 326 -0.40 -22.85 3.59
CA GLN A 326 0.61 -22.69 2.55
C GLN A 326 1.72 -21.76 3.04
N ARG A 327 2.93 -21.94 2.53
CA ARG A 327 4.05 -21.08 2.89
C ARG A 327 4.74 -20.39 1.71
N ILE A 328 4.05 -20.16 0.60
CA ILE A 328 4.72 -19.54 -0.54
C ILE A 328 4.40 -18.05 -0.64
N TYR A 329 3.23 -17.65 -0.15
CA TYR A 329 2.79 -16.27 -0.32
C TYR A 329 2.54 -15.52 0.98
N CYS A 330 2.99 -14.27 1.00
CA CYS A 330 2.83 -13.37 2.14
C CYS A 330 3.27 -13.96 3.50
N PRO A 331 4.50 -14.51 3.57
CA PRO A 331 4.99 -14.91 4.90
C PRO A 331 4.93 -13.77 5.92
N ASP A 332 5.08 -12.53 5.45
CA ASP A 332 4.98 -11.33 6.28
C ASP A 332 3.66 -11.27 7.05
N SER A 333 2.65 -11.94 6.53
CA SER A 333 1.29 -11.80 7.06
C SER A 333 0.96 -12.84 8.13
N ARG A 334 1.81 -13.84 8.28
CA ARG A 334 1.50 -14.99 9.11
C ARG A 334 1.15 -14.61 10.54
N GLY A 335 1.88 -13.66 11.11
CA GLY A 335 1.62 -13.18 12.46
C GLY A 335 0.22 -12.59 12.60
N ARG A 336 -0.19 -11.83 11.60
CA ARG A 336 -1.51 -11.24 11.63
C ARG A 336 -2.56 -12.35 11.57
N TRP A 337 -2.29 -13.37 10.75
CA TRP A 337 -3.21 -14.49 10.58
C TRP A 337 -3.37 -15.32 11.85
N TRP A 338 -2.25 -15.76 12.42
CA TRP A 338 -2.30 -16.55 13.65
C TRP A 338 -3.09 -15.82 14.72
N ASP A 339 -2.72 -14.57 14.95
CA ASP A 339 -3.36 -13.75 15.96
C ASP A 339 -4.87 -13.59 15.73
N ARG A 340 -5.31 -13.47 14.48
CA ARG A 340 -6.74 -13.27 14.24
C ARG A 340 -7.46 -14.61 14.40
N LEU A 341 -6.80 -15.68 14.00
CA LEU A 341 -7.33 -17.04 14.16
C LEU A 341 -7.62 -17.35 15.64
N ALA A 342 -6.64 -17.08 16.49
CA ALA A 342 -6.78 -17.23 17.93
C ALA A 342 -7.94 -16.39 18.47
N LEU A 343 -8.02 -15.14 18.04
CA LEU A 343 -9.07 -14.25 18.52
C LEU A 343 -10.43 -14.81 18.16
N ASN A 344 -10.59 -15.26 16.93
CA ASN A 344 -11.88 -15.81 16.53
C ASN A 344 -12.19 -17.09 17.31
N LEU A 345 -11.19 -17.95 17.51
CA LEU A 345 -11.34 -19.18 18.27
C LEU A 345 -11.65 -18.92 19.75
N HIS A 346 -10.85 -18.06 20.37
CA HIS A 346 -11.04 -17.66 21.76
C HIS A 346 -12.39 -16.99 21.97
N GLN A 347 -12.61 -15.87 21.28
CA GLN A 347 -13.79 -15.07 21.57
C GLN A 347 -15.07 -15.47 20.84
N HIS A 348 -15.09 -15.49 19.53
CA HIS A 348 -16.38 -15.61 18.83
C HIS A 348 -16.87 -17.06 18.72
N LEU A 349 -15.92 -17.98 18.56
CA LEU A 349 -16.25 -19.39 18.51
C LEU A 349 -16.27 -20.04 19.90
N LYS A 350 -15.49 -19.46 20.83
CA LYS A 350 -15.41 -19.96 22.20
C LYS A 350 -14.89 -21.41 22.24
N ARG A 351 -13.99 -21.75 21.32
CA ARG A 351 -13.38 -23.08 21.35
C ARG A 351 -12.00 -23.06 21.99
N LEU A 352 -11.95 -23.49 23.24
CA LEU A 352 -10.81 -23.23 24.10
C LEU A 352 -9.58 -24.07 23.76
N GLU A 353 -9.77 -25.35 23.47
CA GLU A 353 -8.63 -26.23 23.16
C GLU A 353 -8.00 -25.99 21.76
N PRO A 354 -8.82 -25.69 20.73
CA PRO A 354 -8.16 -25.36 19.46
C PRO A 354 -7.38 -24.07 19.60
N THR A 355 -7.90 -23.15 20.40
CA THR A 355 -7.23 -21.88 20.67
C THR A 355 -5.84 -22.08 21.22
N ILE A 356 -5.70 -22.97 22.21
CA ILE A 356 -4.37 -23.22 22.78
C ILE A 356 -3.45 -23.79 21.70
N LYS A 357 -3.99 -24.70 20.91
CA LYS A 357 -3.24 -25.33 19.83
C LYS A 357 -2.74 -24.27 18.88
N CYS A 358 -3.63 -23.37 18.50
CA CYS A 358 -3.34 -22.29 17.57
C CYS A 358 -2.19 -21.40 18.04
N ILE A 359 -2.27 -20.95 19.29
CA ILE A 359 -1.26 -20.10 19.89
C ILE A 359 0.08 -20.81 19.92
N THR A 360 0.06 -22.10 20.19
CA THR A 360 1.30 -22.85 20.31
C THR A 360 1.94 -23.06 18.94
N GLU A 361 1.12 -23.32 17.93
CA GLU A 361 1.63 -23.44 16.57
C GLU A 361 2.18 -22.09 16.12
N GLY A 362 1.37 -21.06 16.34
CA GLY A 362 1.77 -19.69 16.05
C GLY A 362 3.09 -19.33 16.69
N LEU A 363 3.21 -19.59 17.99
CA LEU A 363 4.46 -19.28 18.68
C LEU A 363 5.64 -20.04 18.08
N ALA A 364 5.37 -21.22 17.53
CA ALA A 364 6.39 -22.05 16.95
C ALA A 364 6.81 -21.60 15.54
N ASP A 365 5.92 -20.84 14.88
CA ASP A 365 6.13 -20.29 13.53
C ASP A 365 7.21 -19.20 13.46
N PRO A 366 8.36 -19.50 12.84
CA PRO A 366 9.46 -18.53 12.85
C PRO A 366 9.22 -17.28 12.00
N GLU A 367 8.15 -17.25 11.20
CA GLU A 367 7.82 -16.04 10.44
C GLU A 367 7.17 -14.99 11.32
N VAL A 368 6.57 -15.40 12.44
CA VAL A 368 5.89 -14.47 13.31
C VAL A 368 6.88 -13.54 14.03
N ARG A 369 6.80 -12.23 13.76
CA ARG A 369 7.70 -11.25 14.36
C ARG A 369 7.22 -10.94 15.77
N THR A 370 8.00 -10.13 16.50
CA THR A 370 7.87 -10.10 17.97
C THR A 370 6.55 -9.47 18.46
N GLY A 371 6.06 -8.46 17.74
CA GLY A 371 4.74 -7.87 17.99
C GLY A 371 3.60 -8.87 18.13
N HIS A 372 3.33 -9.65 17.08
CA HIS A 372 2.27 -10.65 17.13
C HIS A 372 2.61 -11.75 18.10
N ARG A 373 3.91 -12.04 18.22
CA ARG A 373 4.37 -13.02 19.19
C ARG A 373 3.94 -12.63 20.60
N LEU A 374 4.19 -11.38 20.95
CA LEU A 374 3.80 -10.83 22.24
C LEU A 374 2.29 -10.92 22.40
N SER A 375 1.60 -10.64 21.30
CA SER A 375 0.15 -10.68 21.27
C SER A 375 -0.37 -12.09 21.47
N LEU A 376 0.34 -13.06 20.90
CA LEU A 376 -0.10 -14.45 21.02
C LEU A 376 0.10 -14.95 22.45
N TYR A 377 1.28 -14.70 22.98
CA TYR A 377 1.64 -15.07 24.34
C TYR A 377 0.68 -14.49 25.38
N GLN A 378 0.51 -13.17 25.34
CA GLN A 378 -0.46 -12.46 26.16
C GLN A 378 -1.83 -13.15 26.20
N ARG A 379 -2.26 -13.68 25.06
CA ARG A 379 -3.51 -14.41 25.02
C ARG A 379 -3.41 -15.77 25.72
N ALA A 380 -2.22 -16.36 25.70
CA ALA A 380 -2.00 -17.64 26.36
C ALA A 380 -2.13 -17.49 27.86
N VAL A 381 -1.41 -16.51 28.42
CA VAL A 381 -1.48 -16.19 29.83
C VAL A 381 -2.93 -16.00 30.27
N ARG A 382 -3.66 -15.18 29.53
CA ARG A 382 -5.08 -14.97 29.80
C ARG A 382 -5.88 -16.29 29.87
N LEU A 383 -5.58 -17.22 28.96
CA LEU A 383 -6.31 -18.49 28.91
C LEU A 383 -5.88 -19.45 30.00
N ARG A 384 -4.61 -19.39 30.37
CA ARG A 384 -4.08 -20.29 31.38
C ARG A 384 -4.50 -19.89 32.80
N GLU A 385 -5.21 -18.78 32.93
CA GLU A 385 -5.44 -18.21 34.26
C GLU A 385 -6.88 -17.85 34.60
N SER A 386 -7.83 -18.60 34.08
CA SER A 386 -9.24 -18.41 34.42
C SER A 386 -9.94 -19.77 34.46
N PRO A 387 -10.96 -19.89 35.32
CA PRO A 387 -11.76 -21.10 35.52
C PRO A 387 -11.97 -21.91 34.26
N SER A 388 -12.29 -21.23 33.16
CA SER A 388 -12.59 -21.86 31.89
C SER A 388 -11.55 -22.89 31.44
N CYS A 389 -10.28 -22.62 31.71
CA CYS A 389 -9.21 -23.49 31.21
C CYS A 389 -8.25 -24.04 32.26
N LYS A 390 -8.77 -24.37 33.44
CA LYS A 390 -7.93 -25.02 34.46
C LYS A 390 -7.46 -26.37 33.97
N LYS A 391 -8.38 -27.10 33.35
CA LYS A 391 -8.15 -28.48 32.95
C LYS A 391 -7.09 -28.67 31.86
N PHE A 392 -6.99 -27.71 30.95
CA PHE A 392 -6.05 -27.83 29.83
C PHE A 392 -4.60 -27.60 30.23
N LYS A 393 -4.34 -27.60 31.54
CA LYS A 393 -3.05 -27.22 32.11
C LYS A 393 -1.86 -27.90 31.42
N HIS A 394 -2.06 -29.12 30.93
CA HIS A 394 -0.99 -29.90 30.31
C HIS A 394 -0.61 -29.37 28.90
N LEU A 395 -1.40 -28.44 28.38
CA LEU A 395 -1.16 -27.87 27.07
C LEU A 395 -0.40 -26.53 27.13
N PHE A 396 -0.03 -26.11 28.33
CA PHE A 396 0.56 -24.79 28.55
C PHE A 396 2.02 -24.85 28.96
N GLN A 397 2.60 -26.03 28.90
CA GLN A 397 3.96 -26.18 29.39
C GLN A 397 4.99 -25.73 28.37
N GLN A 398 4.58 -25.61 27.11
CA GLN A 398 5.45 -25.16 26.04
C GLN A 398 5.82 -23.69 26.19
N LEU A 399 5.05 -22.98 27.01
CA LEU A 399 5.10 -21.51 27.07
C LEU A 399 6.50 -20.93 27.24
N PRO A 400 6.93 -20.13 26.25
CA PRO A 400 8.22 -19.44 26.31
C PRO A 400 8.20 -18.35 27.38
N GLU A 401 9.37 -17.94 27.83
CA GLU A 401 9.47 -16.86 28.80
C GLU A 401 9.71 -15.54 28.11
N MET A 402 8.84 -15.24 27.14
CA MET A 402 8.96 -14.03 26.35
C MET A 402 8.43 -12.83 27.15
N ALA A 403 9.35 -12.04 27.69
CA ALA A 403 9.00 -10.85 28.46
C ALA A 403 9.53 -9.58 27.79
N VAL A 404 8.84 -8.47 28.03
CA VAL A 404 9.16 -7.18 27.41
C VAL A 404 9.25 -6.08 28.51
N GLN A 405 10.37 -5.36 28.56
CA GLN A 405 10.72 -4.53 29.73
C GLN A 405 9.85 -3.26 29.90
N ASP A 406 9.78 -2.76 31.13
CA ASP A 406 8.90 -1.64 31.51
C ASP A 406 9.40 -0.24 31.10
N VAL A 407 8.44 0.63 30.79
CA VAL A 407 8.72 2.02 30.43
C VAL A 407 8.10 2.98 31.46
N LYS A 408 8.54 4.24 31.47
CA LYS A 408 7.96 5.28 32.33
C LYS A 408 6.81 6.05 31.67
N HIS A 409 5.76 6.31 32.47
CA HIS A 409 4.57 6.98 31.99
C HIS A 409 4.29 8.26 32.77
N VAL A 410 4.07 9.36 32.06
CA VAL A 410 3.67 10.60 32.68
C VAL A 410 2.34 11.08 32.08
N THR A 411 1.67 12.02 32.74
CA THR A 411 0.41 12.57 32.25
C THR A 411 0.44 14.10 32.28
N ILE A 412 -0.21 14.72 31.31
CA ILE A 412 -0.33 16.18 31.28
C ILE A 412 -1.77 16.53 30.91
N THR A 413 -2.22 17.72 31.29
CA THR A 413 -3.63 18.06 31.11
C THR A 413 -3.89 18.56 29.68
N GLY A 414 -5.12 18.36 29.21
CA GLY A 414 -5.48 18.75 27.85
C GLY A 414 -5.83 20.23 27.68
N ARG A 415 -6.05 20.64 26.43
CA ARG A 415 -6.35 22.03 26.09
C ARG A 415 -7.17 22.05 24.80
N LEU A 416 -7.95 23.11 24.59
CA LEU A 416 -8.77 23.22 23.39
C LEU A 416 -8.50 24.54 22.67
N CYS A 442 -6.71 20.49 21.59
CA CYS A 442 -5.69 20.75 20.56
C CYS A 442 -4.88 19.46 20.27
N SER A 443 -3.93 19.54 19.33
CA SER A 443 -3.14 18.38 18.92
C SER A 443 -2.39 17.79 20.08
N VAL A 444 -2.56 16.49 20.34
CA VAL A 444 -1.89 15.91 21.49
C VAL A 444 -0.36 15.98 21.39
N GLU A 445 0.25 15.82 20.21
CA GLU A 445 1.70 15.88 20.13
C GLU A 445 2.17 17.30 20.41
N GLU A 446 1.44 18.29 19.90
CA GLU A 446 1.85 19.66 20.14
C GLU A 446 1.75 20.02 21.62
N LEU A 447 0.79 19.44 22.34
CA LEU A 447 0.69 19.71 23.76
C LEU A 447 1.90 19.11 24.46
N ALA A 448 2.25 17.88 24.10
CA ALA A 448 3.44 17.23 24.63
C ALA A 448 4.70 18.07 24.37
N LEU A 449 4.85 18.54 23.14
CA LEU A 449 6.02 19.33 22.79
C LEU A 449 6.14 20.56 23.67
N ALA A 450 5.02 21.24 23.91
CA ALA A 450 4.99 22.44 24.76
C ALA A 450 5.41 22.14 26.20
N HIS A 451 5.01 20.96 26.68
CA HIS A 451 5.36 20.55 28.02
C HIS A 451 6.84 20.24 28.15
N TYR A 452 7.42 19.59 27.14
CA TYR A 452 8.82 19.24 27.27
C TYR A 452 9.67 20.49 27.10
N ARG A 453 9.20 21.47 26.33
CA ARG A 453 9.88 22.77 26.31
C ARG A 453 9.81 23.43 27.68
N ARG A 454 8.76 23.18 28.43
CA ARG A 454 8.70 23.68 29.79
C ARG A 454 9.64 22.87 30.68
N SER A 455 9.95 21.64 30.28
CA SER A 455 10.76 20.78 31.13
C SER A 455 12.22 20.89 30.73
N GLY A 456 12.52 21.90 29.92
CA GLY A 456 13.89 22.19 29.51
C GLY A 456 14.33 21.57 28.20
N PHE A 457 13.41 20.97 27.45
CA PHE A 457 13.80 20.42 26.16
C PHE A 457 13.38 21.37 25.07
N ASP A 458 14.28 22.29 24.75
CA ASP A 458 13.97 23.42 23.91
C ASP A 458 13.79 23.00 22.46
N GLN A 459 14.44 21.91 22.05
CA GLN A 459 14.18 21.34 20.71
C GLN A 459 13.25 20.10 20.76
N GLY A 460 12.54 19.85 19.66
CA GLY A 460 11.62 18.72 19.58
C GLY A 460 11.10 18.56 18.18
N ILE A 461 10.89 17.32 17.75
CA ILE A 461 10.39 17.02 16.42
C ILE A 461 9.26 15.98 16.49
N HIS A 462 8.12 16.28 15.88
CA HIS A 462 7.05 15.29 15.76
C HIS A 462 7.13 14.70 14.36
N GLY A 463 7.79 13.56 14.22
CA GLY A 463 8.03 13.01 12.90
C GLY A 463 7.90 11.51 12.86
N GLU A 464 7.54 10.91 14.00
CA GLU A 464 7.30 9.47 14.06
C GLU A 464 8.51 8.70 13.56
N GLY A 465 8.27 7.69 12.73
CA GLY A 465 9.33 6.85 12.23
C GLY A 465 10.20 7.60 11.22
N SER A 466 9.65 8.62 10.58
CA SER A 466 10.40 9.30 9.53
C SER A 466 11.68 9.95 10.10
N THR A 467 11.64 10.42 11.34
CA THR A 467 12.84 11.01 11.95
C THR A 467 14.02 10.04 11.91
N PHE A 468 13.86 8.85 12.47
CA PHE A 468 14.94 7.87 12.49
C PHE A 468 15.23 7.35 11.09
N SER A 469 14.18 7.13 10.31
CA SER A 469 14.38 6.53 9.00
C SER A 469 15.10 7.56 8.14
N THR A 470 14.87 8.84 8.40
CA THR A 470 15.64 9.85 7.68
C THR A 470 17.12 9.81 8.10
N LEU A 471 17.39 9.65 9.40
CA LEU A 471 18.77 9.57 9.84
C LEU A 471 19.44 8.31 9.27
N TYR A 472 18.70 7.20 9.32
CA TYR A 472 19.15 5.94 8.73
C TYR A 472 19.55 6.21 7.29
N GLY A 473 18.64 6.82 6.55
CA GLY A 473 18.88 7.19 5.17
C GLY A 473 20.14 8.02 4.93
N LEU A 474 20.35 9.03 5.78
CA LEU A 474 21.48 9.94 5.65
C LEU A 474 22.82 9.29 6.01
N LEU A 475 22.80 8.29 6.89
CA LEU A 475 24.02 7.64 7.32
C LEU A 475 24.33 6.41 6.47
N LEU A 476 23.37 5.89 5.72
CA LEU A 476 23.63 4.64 5.02
C LEU A 476 23.28 4.67 3.54
N TRP A 477 23.14 5.89 3.02
CA TRP A 477 22.76 6.12 1.64
C TRP A 477 23.52 5.28 0.63
N ASP A 478 24.86 5.26 0.69
CA ASP A 478 25.58 4.61 -0.40
C ASP A 478 25.51 3.09 -0.31
N ILE A 479 25.09 2.58 0.85
CA ILE A 479 24.85 1.15 0.96
C ILE A 479 23.42 0.82 0.48
N ILE A 480 22.44 1.60 0.91
CA ILE A 480 21.06 1.46 0.43
C ILE A 480 21.07 1.45 -1.10
N PHE A 481 21.94 2.25 -1.70
CA PHE A 481 21.93 2.38 -3.15
C PHE A 481 23.14 1.75 -3.84
N MET A 482 23.85 0.88 -3.15
CA MET A 482 25.06 0.28 -3.72
C MET A 482 24.79 -0.65 -4.91
N ASP A 483 25.81 -0.82 -5.75
CA ASP A 483 25.78 -1.77 -6.87
C ASP A 483 26.06 -3.20 -6.40
N GLY A 484 25.70 -4.16 -7.24
CA GLY A 484 26.14 -5.52 -7.04
C GLY A 484 25.07 -6.48 -6.54
N ILE A 485 23.86 -5.97 -6.36
CA ILE A 485 22.75 -6.82 -5.92
C ILE A 485 21.76 -6.97 -7.07
N PRO A 486 21.73 -8.15 -7.69
CA PRO A 486 20.94 -8.34 -8.90
C PRO A 486 19.43 -8.19 -8.64
N ASP A 487 18.75 -7.50 -9.55
CA ASP A 487 17.29 -7.37 -9.60
C ASP A 487 16.65 -6.37 -8.64
N VAL A 488 17.45 -5.65 -7.82
CA VAL A 488 16.85 -4.72 -6.86
C VAL A 488 16.59 -3.38 -7.54
N PHE A 489 17.31 -3.13 -8.62
CA PHE A 489 17.07 -1.92 -9.40
C PHE A 489 16.71 -2.33 -10.84
N ARG A 490 15.46 -2.06 -11.24
CA ARG A 490 14.99 -2.59 -12.53
C ARG A 490 14.69 -1.49 -13.54
N ASN A 491 14.44 -0.28 -13.07
CA ASN A 491 14.48 0.87 -13.96
C ASN A 491 14.99 2.11 -13.20
N ALA A 492 15.15 3.21 -13.92
CA ALA A 492 15.82 4.38 -13.38
C ALA A 492 14.92 5.32 -12.57
N CYS A 493 13.70 4.87 -12.28
CA CYS A 493 12.76 5.69 -11.51
C CYS A 493 12.34 5.09 -10.17
N GLN A 494 13.26 4.43 -9.47
CA GLN A 494 12.92 3.89 -8.16
C GLN A 494 13.42 4.79 -7.06
N ALA A 495 12.64 4.84 -5.99
CA ALA A 495 12.98 5.60 -4.79
C ALA A 495 13.66 4.72 -3.73
N PHE A 496 13.85 3.43 -4.04
CA PHE A 496 14.42 2.49 -3.08
C PHE A 496 14.79 1.18 -3.79
N PRO A 497 15.75 0.43 -3.25
CA PRO A 497 16.03 -0.89 -3.83
C PRO A 497 14.86 -1.82 -3.55
N LEU A 498 14.53 -2.72 -4.45
CA LEU A 498 13.27 -3.45 -4.33
C LEU A 498 13.23 -4.39 -3.13
N ASP A 499 14.41 -4.68 -2.55
CA ASP A 499 14.48 -5.65 -1.49
C ASP A 499 14.52 -4.96 -0.15
N LEU A 500 14.30 -3.65 -0.18
CA LEU A 500 14.52 -2.81 1.00
C LEU A 500 13.79 -3.32 2.23
N CYS A 501 12.51 -3.64 2.04
CA CYS A 501 11.59 -4.04 3.10
C CYS A 501 11.53 -5.55 3.21
N THR A 502 12.66 -6.18 2.98
CA THR A 502 12.69 -7.63 2.94
C THR A 502 13.92 -8.09 3.73
N ASP A 503 13.86 -9.29 4.28
CA ASP A 503 14.98 -9.80 5.06
C ASP A 503 16.22 -9.88 4.21
N SER A 504 16.07 -10.05 2.91
CA SER A 504 17.27 -10.26 2.10
C SER A 504 18.02 -8.93 1.82
N PHE A 505 17.44 -7.80 2.23
CA PHE A 505 18.16 -6.53 2.11
C PHE A 505 19.46 -6.60 2.89
N PHE A 506 19.35 -7.05 4.14
CA PHE A 506 20.48 -7.11 5.06
C PHE A 506 21.45 -8.21 4.66
N THR A 507 20.91 -9.40 4.38
CA THR A 507 21.76 -10.53 4.09
C THR A 507 22.51 -10.32 2.78
N SER A 508 21.93 -9.53 1.88
CA SER A 508 22.63 -9.27 0.62
C SER A 508 23.68 -8.17 0.73
N ARG A 509 23.70 -7.42 1.82
CA ARG A 509 24.69 -6.35 1.95
C ARG A 509 25.43 -6.46 3.30
N ARG A 510 25.44 -7.66 3.85
CA ARG A 510 25.90 -7.89 5.21
C ARG A 510 27.34 -7.40 5.50
N PRO A 511 28.34 -7.76 4.67
CA PRO A 511 29.67 -7.28 5.04
C PRO A 511 29.78 -5.76 5.06
N ALA A 512 29.15 -5.08 4.09
CA ALA A 512 29.23 -3.62 4.04
C ALA A 512 28.46 -3.01 5.21
N LEU A 513 27.34 -3.65 5.55
CA LEU A 513 26.51 -3.20 6.66
C LEU A 513 27.24 -3.40 7.97
N GLU A 514 27.80 -4.60 8.17
CA GLU A 514 28.51 -4.86 9.40
C GLU A 514 29.63 -3.87 9.56
N ALA A 515 30.37 -3.55 8.49
CA ALA A 515 31.48 -2.61 8.61
C ALA A 515 31.00 -1.18 8.86
N ARG A 516 29.82 -0.84 8.36
CA ARG A 516 29.36 0.54 8.49
C ARG A 516 28.73 0.83 9.87
N LEU A 517 28.01 -0.18 10.41
CA LEU A 517 27.34 -0.05 11.72
C LEU A 517 28.35 -0.02 12.92
N GLN A 518 29.41 -0.83 12.83
CA GLN A 518 30.59 -0.73 13.70
C GLN A 518 31.25 0.64 13.64
N LEU A 519 31.39 1.17 12.43
CA LEU A 519 31.96 2.49 12.21
C LEU A 519 31.10 3.60 12.81
N ILE A 520 29.79 3.35 12.92
CA ILE A 520 28.88 4.34 13.47
C ILE A 520 28.86 4.28 14.98
N HIS A 521 28.74 3.04 15.50
CA HIS A 521 28.75 2.79 16.92
C HIS A 521 29.90 3.49 17.67
N ASP A 522 31.10 3.51 17.07
CA ASP A 522 32.32 4.10 17.65
C ASP A 522 32.57 5.53 17.22
N ALA A 523 31.69 6.08 16.39
CA ALA A 523 32.03 7.34 15.77
C ALA A 523 31.95 8.48 16.76
N PRO A 524 32.96 9.35 16.80
CA PRO A 524 32.84 10.57 17.62
C PRO A 524 31.91 11.57 16.97
N GLU A 525 31.35 12.47 17.76
CA GLU A 525 30.45 13.51 17.32
C GLU A 525 30.79 14.11 15.97
N GLU A 526 32.07 14.43 15.78
CA GLU A 526 32.48 15.12 14.56
C GLU A 526 32.34 14.26 13.32
N SER A 527 32.57 12.96 13.45
CA SER A 527 32.27 12.05 12.36
C SER A 527 30.78 12.09 12.00
N LEU A 528 29.94 11.95 13.02
CA LEU A 528 28.49 11.88 12.83
C LEU A 528 27.99 13.12 12.09
N ARG A 529 28.39 14.28 12.59
CA ARG A 529 27.98 15.53 11.97
C ARG A 529 28.44 15.58 10.51
N ALA A 530 29.66 15.10 10.26
CA ALA A 530 30.27 15.15 8.92
C ALA A 530 29.59 14.24 7.88
N TRP A 531 29.37 13.00 8.27
CA TRP A 531 28.68 12.03 7.43
C TRP A 531 27.27 12.51 7.02
N VAL A 532 26.52 13.03 7.98
CA VAL A 532 25.17 13.52 7.71
C VAL A 532 25.24 14.66 6.70
N ALA A 533 26.19 15.57 6.92
CA ALA A 533 26.39 16.73 6.03
C ALA A 533 26.77 16.28 4.62
N ALA A 534 27.58 15.22 4.55
CA ALA A 534 28.00 14.71 3.24
C ALA A 534 26.77 14.29 2.42
N THR A 535 26.00 13.34 2.95
CA THR A 535 24.79 12.90 2.29
C THR A 535 23.84 14.07 2.03
N TRP A 536 23.62 14.91 3.03
CA TRP A 536 22.73 16.06 2.84
C TRP A 536 23.18 16.89 1.63
N HIS A 537 24.46 17.26 1.62
CA HIS A 537 25.00 18.09 0.56
C HIS A 537 24.95 17.43 -0.79
N GLU A 538 25.22 16.14 -0.87
CA GLU A 538 25.30 15.50 -2.16
C GLU A 538 23.95 15.02 -2.74
N GLN A 539 22.92 14.89 -1.90
CA GLN A 539 21.67 14.27 -2.34
C GLN A 539 20.42 15.10 -2.13
N GLU A 540 20.50 16.27 -1.49
CA GLU A 540 19.30 17.00 -1.10
C GLU A 540 18.34 17.17 -2.27
N GLY A 541 17.08 16.79 -2.08
CA GLY A 541 16.09 16.87 -3.14
C GLY A 541 15.79 15.53 -3.82
N ARG A 542 16.80 14.67 -3.92
CA ARG A 542 16.65 13.38 -4.57
C ARG A 542 15.60 12.58 -3.82
N VAL A 543 14.72 11.89 -4.54
CA VAL A 543 13.62 11.19 -3.87
C VAL A 543 14.04 9.80 -3.44
N ALA A 544 14.13 9.64 -2.13
CA ALA A 544 14.46 8.38 -1.51
C ALA A 544 13.38 8.18 -0.48
N SER A 545 12.72 7.04 -0.53
CA SER A 545 11.50 6.84 0.25
C SER A 545 11.73 6.94 1.75
N LEU A 546 12.93 6.59 2.19
CA LEU A 546 13.30 6.65 3.61
C LEU A 546 13.48 8.06 4.11
N VAL A 547 13.88 8.95 3.22
CA VAL A 547 14.37 10.27 3.60
C VAL A 547 13.39 11.40 3.32
N SER A 548 13.01 12.12 4.36
CA SER A 548 12.19 13.31 4.21
C SER A 548 13.06 14.57 4.31
N TRP A 549 13.24 15.25 3.20
CA TRP A 549 14.15 16.37 3.18
C TRP A 549 13.66 17.54 3.99
N ASP A 550 12.43 17.43 4.48
CA ASP A 550 11.76 18.52 5.18
C ASP A 550 11.46 18.13 6.63
N ARG A 551 11.81 16.91 7.00
CA ARG A 551 11.64 16.46 8.37
C ARG A 551 12.40 17.37 9.35
N PHE A 552 13.64 17.71 9.02
CA PHE A 552 14.41 18.63 9.85
C PHE A 552 14.28 20.05 9.32
N THR A 553 14.38 21.02 10.21
CA THR A 553 14.27 22.41 9.79
C THR A 553 15.50 22.90 9.03
N SER A 554 16.59 22.11 9.11
CA SER A 554 17.86 22.40 8.44
C SER A 554 18.87 21.30 8.71
N LEU A 555 19.97 21.30 7.95
CA LEU A 555 21.02 20.32 8.13
C LEU A 555 21.56 20.38 9.55
N GLN A 556 21.62 21.59 10.08
CA GLN A 556 22.21 21.83 11.39
C GLN A 556 21.39 21.15 12.48
N GLN A 557 20.06 21.25 12.37
CA GLN A 557 19.20 20.58 13.33
C GLN A 557 19.48 19.08 13.29
N ALA A 558 19.60 18.53 12.10
CA ALA A 558 19.88 17.10 11.98
C ALA A 558 21.26 16.76 12.58
N GLN A 559 22.24 17.64 12.37
CA GLN A 559 23.55 17.43 12.95
C GLN A 559 23.48 17.54 14.46
N ASP A 560 22.73 18.52 14.96
CA ASP A 560 22.59 18.63 16.40
C ASP A 560 21.91 17.38 17.00
N LEU A 561 20.97 16.79 16.28
CA LEU A 561 20.29 15.62 16.81
C LEU A 561 21.23 14.43 16.83
N VAL A 562 21.96 14.20 15.75
CA VAL A 562 22.84 13.05 15.74
C VAL A 562 23.91 13.22 16.83
N SER A 563 24.31 14.46 17.13
CA SER A 563 25.26 14.68 18.23
C SER A 563 24.70 14.26 19.59
N CYS A 564 23.41 14.52 19.82
CA CYS A 564 22.79 14.16 21.11
C CYS A 564 22.56 12.65 21.18
N LEU A 565 22.14 12.04 20.08
CA LEU A 565 21.84 10.62 20.10
C LEU A 565 23.11 9.80 20.29
N GLY A 566 24.19 10.21 19.63
CA GLY A 566 25.46 9.53 19.76
C GLY A 566 25.52 8.25 18.94
N GLY A 567 26.75 7.80 18.70
CA GLY A 567 27.02 6.68 17.81
C GLY A 567 26.44 5.32 18.15
N PRO A 568 26.49 4.92 19.42
CA PRO A 568 25.92 3.61 19.82
C PRO A 568 24.42 3.47 19.58
N VAL A 569 23.67 4.47 20.02
CA VAL A 569 22.23 4.51 19.81
C VAL A 569 21.87 4.50 18.32
N LEU A 570 22.45 5.44 17.56
CA LEU A 570 22.27 5.49 16.13
C LEU A 570 22.58 4.16 15.46
N SER A 571 23.69 3.54 15.86
CA SER A 571 24.07 2.24 15.33
C SER A 571 22.98 1.22 15.59
N GLY A 572 22.43 1.26 16.80
CA GLY A 572 21.42 0.31 17.19
C GLY A 572 20.17 0.47 16.34
N VAL A 573 19.78 1.72 16.09
CA VAL A 573 18.55 1.94 15.36
C VAL A 573 18.75 1.62 13.88
N CYS A 574 19.88 2.04 13.30
CA CYS A 574 20.16 1.70 11.92
C CYS A 574 20.20 0.18 11.72
N ARG A 575 20.67 -0.56 12.71
CA ARG A 575 20.73 -2.01 12.56
C ARG A 575 19.33 -2.62 12.47
N HIS A 576 18.44 -2.17 13.36
CA HIS A 576 17.07 -2.65 13.38
C HIS A 576 16.37 -2.34 12.05
N LEU A 577 16.50 -1.10 11.57
CA LEU A 577 15.89 -0.67 10.31
C LEU A 577 16.42 -1.42 9.09
N ALA A 578 17.72 -1.66 9.05
CA ALA A 578 18.34 -2.45 7.98
C ALA A 578 17.86 -3.91 8.03
N ALA A 579 17.77 -4.44 9.25
CA ALA A 579 17.54 -5.87 9.44
C ALA A 579 16.10 -6.22 9.23
N ASP A 580 15.22 -5.28 9.59
CA ASP A 580 13.79 -5.52 9.56
C ASP A 580 13.01 -4.20 9.46
N PHE A 581 13.11 -3.54 8.31
CA PHE A 581 12.53 -2.21 8.14
C PHE A 581 10.98 -2.05 8.22
N ARG A 582 10.22 -3.03 7.73
CA ARG A 582 8.77 -2.91 7.75
C ARG A 582 8.34 -2.72 9.21
N HIS A 583 8.70 -3.71 10.01
CA HIS A 583 8.22 -3.81 11.38
C HIS A 583 8.81 -2.83 12.36
N CYS A 584 9.99 -2.30 12.06
CA CYS A 584 10.61 -1.34 12.96
C CYS A 584 10.08 0.06 12.77
N ARG A 585 9.85 0.48 11.54
CA ARG A 585 9.46 1.87 11.29
C ARG A 585 8.17 2.24 12.02
N GLY A 586 7.26 1.29 12.13
CA GLY A 586 5.93 1.53 12.68
C GLY A 586 5.78 1.67 14.19
N GLY A 587 6.71 1.12 14.96
CA GLY A 587 6.55 1.15 16.40
C GLY A 587 7.25 2.29 17.11
N LEU A 588 7.93 3.15 16.36
CA LEU A 588 8.77 4.20 16.92
C LEU A 588 7.97 5.36 17.52
N PRO A 589 8.46 5.91 18.64
CA PRO A 589 7.83 7.05 19.34
C PRO A 589 7.51 8.22 18.43
N ALA A 590 6.35 8.83 18.64
CA ALA A 590 5.94 10.04 17.93
C ALA A 590 7.03 11.11 17.93
N LEU A 591 7.69 11.28 19.06
CA LEU A 591 8.46 12.47 19.35
C LEU A 591 9.93 12.21 19.66
N VAL A 592 10.79 13.11 19.19
CA VAL A 592 12.13 13.22 19.77
C VAL A 592 12.31 14.64 20.28
N VAL A 593 12.65 14.75 21.56
CA VAL A 593 12.92 16.04 22.17
C VAL A 593 14.32 16.13 22.75
N TRP A 594 14.91 17.32 22.66
CA TRP A 594 16.21 17.48 23.31
C TRP A 594 16.55 18.88 23.78
N ASN A 595 17.39 18.86 24.82
CA ASN A 595 17.98 20.03 25.45
C ASN A 595 19.27 20.37 24.72
N SER A 596 19.33 21.51 24.05
CA SER A 596 20.50 21.81 23.22
C SER A 596 21.77 22.12 24.03
N GLN A 597 21.63 22.39 25.33
CA GLN A 597 22.81 22.67 26.15
C GLN A 597 23.40 21.37 26.71
N SER A 598 22.59 20.62 27.45
CA SER A 598 23.09 19.40 28.05
C SER A 598 23.15 18.22 27.09
N ARG A 599 22.46 18.36 25.95
CA ARG A 599 22.33 17.27 24.98
C ARG A 599 21.57 16.05 25.53
N HIS A 600 20.84 16.28 26.61
CA HIS A 600 19.87 15.30 27.09
C HIS A 600 18.72 15.18 26.06
N PHE A 601 18.43 13.94 25.66
CA PHE A 601 17.31 13.70 24.75
C PHE A 601 16.40 12.62 25.35
N LYS A 602 15.15 12.66 24.92
CA LYS A 602 14.12 11.68 25.28
C LYS A 602 13.32 11.30 24.05
N LEU A 603 13.02 10.02 23.87
CA LEU A 603 12.16 9.60 22.76
C LEU A 603 10.75 9.38 23.34
N VAL A 604 9.79 10.14 22.86
CA VAL A 604 8.50 10.16 23.54
C VAL A 604 7.36 9.71 22.64
N GLU A 605 6.59 8.76 23.17
CA GLU A 605 5.34 8.36 22.52
C GLU A 605 4.17 9.12 23.19
N VAL A 606 3.30 9.68 22.37
CA VAL A 606 2.20 10.49 22.90
C VAL A 606 0.86 9.74 22.79
N LYS A 607 0.09 9.72 23.87
CA LYS A 607 -1.22 9.04 23.85
C LYS A 607 -2.30 9.89 24.46
N GLY A 608 -3.26 10.31 23.63
CA GLY A 608 -4.45 10.98 24.13
C GLY A 608 -5.49 10.01 24.69
N PRO A 609 -6.67 10.54 25.07
CA PRO A 609 -7.76 9.73 25.63
C PRO A 609 -8.09 8.56 24.71
N ASN A 610 -8.31 7.38 25.27
CA ASN A 610 -8.59 6.19 24.48
C ASN A 610 -7.53 5.75 23.47
N ASP A 611 -6.28 6.13 23.70
CA ASP A 611 -5.20 5.69 22.87
C ASP A 611 -4.22 4.95 23.78
N ARG A 612 -3.92 3.68 23.50
CA ARG A 612 -2.81 3.07 24.23
C ARG A 612 -1.76 2.40 23.35
N LEU A 613 -0.66 2.05 24.00
CA LEU A 613 0.43 1.36 23.33
C LEU A 613 -0.06 0.13 22.58
N SER A 614 0.35 0.02 21.34
CA SER A 614 0.21 -1.23 20.60
C SER A 614 1.35 -2.15 21.01
N HIS A 615 1.30 -3.41 20.60
CA HIS A 615 2.39 -4.34 20.85
C HIS A 615 3.70 -3.92 20.16
N LYS A 616 3.60 -3.44 18.92
CA LYS A 616 4.77 -2.92 18.20
C LYS A 616 5.48 -1.82 18.99
N GLN A 617 4.70 -0.88 19.49
CA GLN A 617 5.24 0.21 20.27
C GLN A 617 5.89 -0.28 21.54
N MET A 618 5.29 -1.28 22.19
CA MET A 618 5.91 -1.84 23.39
C MET A 618 7.21 -2.52 23.08
N ILE A 619 7.28 -3.24 21.96
CA ILE A 619 8.52 -3.94 21.58
C ILE A 619 9.65 -2.95 21.27
N TRP A 620 9.31 -1.78 20.71
CA TRP A 620 10.35 -0.81 20.35
C TRP A 620 10.75 0.20 21.40
N LEU A 621 9.88 0.50 22.36
CA LEU A 621 10.31 1.32 23.49
C LEU A 621 11.37 0.54 24.30
N ALA A 622 11.09 -0.74 24.52
CA ALA A 622 12.06 -1.63 25.17
C ALA A 622 13.35 -1.72 24.37
N GLU A 623 13.28 -1.95 23.06
CA GLU A 623 14.50 -2.03 22.27
C GLU A 623 15.33 -0.74 22.39
N LEU A 624 14.67 0.41 22.32
CA LEU A 624 15.36 1.67 22.44
C LEU A 624 15.98 1.79 23.80
N GLN A 625 15.23 1.38 24.81
CA GLN A 625 15.73 1.40 26.18
C GLN A 625 16.99 0.53 26.31
N LYS A 626 17.01 -0.61 25.60
CA LYS A 626 18.17 -1.49 25.59
C LYS A 626 19.41 -0.80 25.01
N LEU A 627 19.21 0.09 24.05
CA LEU A 627 20.34 0.83 23.48
C LEU A 627 20.73 1.98 24.41
N GLY A 628 20.07 2.07 25.56
CA GLY A 628 20.40 3.10 26.54
C GLY A 628 19.73 4.45 26.32
N ALA A 629 18.88 4.55 25.30
CA ALA A 629 18.12 5.78 25.10
C ALA A 629 17.07 5.95 26.18
N GLU A 630 16.75 7.17 26.55
CA GLU A 630 15.71 7.33 27.52
C GLU A 630 14.34 7.48 26.80
N VAL A 631 13.38 6.65 27.18
CA VAL A 631 12.08 6.66 26.53
C VAL A 631 10.99 6.98 27.53
N GLU A 632 9.91 7.56 27.02
CA GLU A 632 8.83 8.00 27.87
C GLU A 632 7.49 7.94 27.09
N VAL A 633 6.41 7.60 27.80
CA VAL A 633 5.04 7.68 27.27
C VAL A 633 4.31 8.86 27.90
N CYS A 634 3.90 9.81 27.08
CA CYS A 634 3.20 10.98 27.59
C CYS A 634 1.67 10.89 27.31
N HIS A 635 0.87 10.75 28.35
CA HIS A 635 -0.59 10.75 28.17
C HIS A 635 -1.21 12.13 28.36
N VAL A 636 -1.98 12.54 27.38
CA VAL A 636 -2.76 13.75 27.54
C VAL A 636 -4.16 13.34 28.02
N VAL A 637 -4.59 13.92 29.14
CA VAL A 637 -5.88 13.57 29.72
C VAL A 637 -6.96 14.57 29.35
N ALA A 638 -8.20 14.09 29.29
CA ALA A 638 -9.34 14.94 28.93
C ALA A 638 -9.46 16.12 29.90
N VAL A 639 -9.83 17.27 29.35
CA VAL A 639 -9.81 18.53 30.09
C VAL A 639 -11.19 18.98 30.53
#